data_5ZDL
#
_entry.id   5ZDL
#
_cell.length_a   145.084
_cell.length_b   39.363
_cell.length_c   114.846
_cell.angle_alpha   90.000
_cell.angle_beta   116.800
_cell.angle_gamma   90.000
#
_symmetry.space_group_name_H-M   'C 1 2 1'
#
loop_
_entity.id
_entity.type
_entity.pdbx_description
1 polymer 'Glutamine--tRNA ligase'
2 non-polymer "ADENOSINE-5'-TRIPHOSPHATE"
3 non-polymer 'CHLORIDE ION'
#
_entity_poly.entity_id   1
_entity_poly.type   'polypeptide(L)'
_entity_poly.pdbx_seq_one_letter_code
;MGLVPECFITELVERDLKEGKYAKLVTRFPPEPNGYLHIGHARSIVLNFGLAQDYGGECNLRFDDTNPETEKEEYARAIE
EDVRWLGFRPTRVLYASDYFETMYQCALVLIQEGKAYVDDLPEEEMSELRAQGKPSPYRERSVEENLELFERMRRGEFPT
GSRVLRAKIDPAHPNFKLRDPVLYRIVHAPHYHVGDRWVIYPMYDFAHPLEDFIEGVTHSLCTLEFENNRTVYDWVIENL
KGKCGLPTSPRPHQYEFARLDLSHTVLSKRKLIKLVEGGYVSGWDDPRLPTLRGLRRRGVRPEAIVEFVRKTGISRNEAQ
IEMDLFEEVVRDDLNPIAPRVLGVVDPLKVVLTNYEGEEWIEAPYWPRDIPKEGTRPLPFSPELYIERTDFSLNPPKGWK
RLAPGQRVRLRHAYVIELEDVVEEGGEVRLLKARIVPGTLGANPEDGVRPKGVIHWVSARHALPVEFRLYGRLFRTKDPE
EGGDFLQNLNPEALVVKRGFIEPSVAQDPEDTRYQLERLGYFWRDPVDSRPEALVMNRIVPLKEGYRV
;
_entity_poly.pdbx_strand_id   A
#
loop_
_chem_comp.id
_chem_comp.type
_chem_comp.name
_chem_comp.formula
ATP non-polymer ADENOSINE-5'-TRIPHOSPHATE 'C10 H16 N5 O13 P3'
CL non-polymer 'CHLORIDE ION' 'Cl -1'
#
# COMPACT_ATOMS: atom_id res chain seq x y z
N LEU A 3 -12.50 15.89 -1.47
CA LEU A 3 -11.84 14.55 -1.64
C LEU A 3 -11.80 13.73 -0.34
N VAL A 4 -12.67 14.07 0.60
CA VAL A 4 -12.81 13.37 1.90
C VAL A 4 -14.28 13.51 2.32
N PRO A 5 -14.96 12.42 2.54
CA PRO A 5 -16.35 12.51 2.96
C PRO A 5 -16.44 13.16 4.34
N GLU A 6 -17.59 13.74 4.63
CA GLU A 6 -17.76 14.43 5.89
C GLU A 6 -17.51 13.47 6.99
N CYS A 7 -16.60 13.87 7.85
CA CYS A 7 -16.16 13.08 8.97
C CYS A 7 -16.05 13.92 10.22
N PHE A 8 -15.72 13.27 11.31
CA PHE A 8 -15.67 13.95 12.57
C PHE A 8 -14.67 15.05 12.55
N ILE A 9 -13.69 14.93 11.67
CA ILE A 9 -12.61 15.90 11.55
C ILE A 9 -13.02 17.08 10.66
N THR A 10 -13.60 16.77 9.51
CA THR A 10 -13.96 17.82 8.57
C THR A 10 -14.87 18.82 9.24
N GLU A 11 -15.73 18.34 10.14
CA GLU A 11 -16.60 19.20 10.94
C GLU A 11 -15.76 20.19 11.77
N LEU A 12 -14.75 19.67 12.47
CA LEU A 12 -13.94 20.44 13.43
C LEU A 12 -12.95 21.44 12.77
N VAL A 13 -12.54 21.16 11.54
CA VAL A 13 -11.67 22.05 10.79
C VAL A 13 -12.48 23.24 10.33
N GLU A 14 -13.69 22.99 9.88
CA GLU A 14 -14.52 24.07 9.41
C GLU A 14 -14.82 25.01 10.57
N ARG A 15 -15.22 24.46 11.73
CA ARG A 15 -15.58 25.29 12.89
C ARG A 15 -14.42 26.20 13.34
N ASP A 16 -13.18 25.72 13.15
CA ASP A 16 -11.96 26.46 13.52
C ASP A 16 -11.58 27.55 12.52
N LEU A 17 -11.59 27.19 11.24
CA LEU A 17 -11.24 28.14 10.18
C LEU A 17 -12.23 29.26 10.16
N LYS A 18 -13.51 28.90 10.22
CA LYS A 18 -14.60 29.86 10.18
C LYS A 18 -14.59 30.82 11.38
N GLU A 19 -14.08 30.38 12.52
CA GLU A 19 -13.98 31.25 13.69
C GLU A 19 -12.59 31.93 13.78
N GLY A 20 -11.73 31.69 12.79
CA GLY A 20 -10.42 32.36 12.70
C GLY A 20 -9.40 31.96 13.75
N LYS A 21 -9.54 30.74 14.27
CA LYS A 21 -8.58 30.18 15.24
C LYS A 21 -7.24 29.96 14.59
N TYR A 22 -7.25 29.47 13.35
CA TYR A 22 -6.05 29.42 12.52
C TYR A 22 -6.41 30.11 11.22
N ALA A 23 -5.47 30.86 10.66
CA ALA A 23 -5.73 31.56 9.39
C ALA A 23 -5.86 30.55 8.26
N LYS A 24 -5.02 29.52 8.30
CA LYS A 24 -5.04 28.43 7.33
C LYS A 24 -4.91 27.09 8.01
N LEU A 25 -5.43 26.09 7.32
CA LEU A 25 -5.22 24.71 7.71
C LEU A 25 -3.81 24.29 7.30
N VAL A 26 -3.05 23.75 8.24
CA VAL A 26 -1.76 23.14 7.92
C VAL A 26 -1.63 21.77 8.55
N THR A 27 -1.58 20.75 7.69
CA THR A 27 -1.36 19.38 8.11
C THR A 27 -0.01 18.86 7.64
N ARG A 28 0.31 17.64 8.03
CA ARG A 28 1.54 17.01 7.63
C ARG A 28 1.41 15.53 7.53
N PHE A 29 2.19 14.89 6.70
CA PHE A 29 2.24 13.46 6.67
C PHE A 29 3.64 13.23 7.17
N PRO A 30 3.81 12.48 8.24
CA PRO A 30 5.11 12.36 8.86
C PRO A 30 5.61 10.97 9.14
N PRO A 31 5.93 10.26 8.09
CA PRO A 31 6.43 8.92 8.20
C PRO A 31 7.89 8.86 8.52
N GLU A 32 8.31 7.76 9.11
CA GLU A 32 9.71 7.55 9.39
C GLU A 32 10.28 6.91 8.16
N PRO A 33 11.43 7.41 7.72
CA PRO A 33 12.17 6.82 6.62
C PRO A 33 12.95 5.57 7.03
N ASN A 34 12.26 4.47 7.37
CA ASN A 34 12.93 3.21 7.72
C ASN A 34 12.23 2.01 7.10
N GLY A 35 11.38 2.30 6.14
CA GLY A 35 10.64 1.29 5.44
C GLY A 35 9.82 1.89 4.33
N TYR A 36 9.17 1.01 3.60
CA TYR A 36 8.33 1.38 2.47
C TYR A 36 6.88 1.58 2.92
N LEU A 37 6.15 2.42 2.19
CA LEU A 37 4.78 2.65 2.56
C LEU A 37 3.86 1.51 2.12
N HIS A 38 2.88 1.20 2.96
CA HIS A 38 1.81 0.31 2.58
C HIS A 38 0.51 1.06 2.33
N ILE A 39 -0.49 0.32 1.90
CA ILE A 39 -1.87 0.80 1.73
C ILE A 39 -2.50 1.47 2.98
N GLY A 40 -2.20 1.00 4.18
CA GLY A 40 -2.52 1.77 5.39
C GLY A 40 -2.09 3.24 5.35
N HIS A 41 -0.82 3.49 5.05
CA HIS A 41 -0.31 4.89 4.97
C HIS A 41 -1.08 5.72 3.95
N ALA A 42 -1.66 5.08 2.94
CA ALA A 42 -2.51 5.81 2.01
C ALA A 42 -3.66 6.55 2.73
N ARG A 43 -4.22 5.95 3.78
CA ARG A 43 -5.29 6.63 4.50
C ARG A 43 -4.81 7.98 5.08
N SER A 44 -3.65 7.96 5.73
CA SER A 44 -3.07 9.18 6.26
C SER A 44 -2.70 10.18 5.17
N ILE A 45 -2.19 9.66 4.04
CA ILE A 45 -1.82 10.50 2.90
C ILE A 45 -3.04 11.26 2.41
N VAL A 46 -4.10 10.52 2.09
CA VAL A 46 -5.24 11.13 1.46
C VAL A 46 -5.88 12.08 2.48
N LEU A 47 -5.97 11.63 3.72
CA LEU A 47 -6.58 12.45 4.75
C LEU A 47 -5.85 13.79 4.86
N ASN A 48 -4.55 13.72 5.06
CA ASN A 48 -3.83 14.91 5.39
C ASN A 48 -3.63 15.81 4.18
N PHE A 49 -3.45 15.23 2.99
CA PHE A 49 -3.17 16.02 1.79
C PHE A 49 -4.48 16.51 1.18
N GLY A 50 -5.51 15.69 1.29
CA GLY A 50 -6.81 16.04 0.76
C GLY A 50 -7.36 17.21 1.55
N LEU A 51 -7.24 17.12 2.87
CA LEU A 51 -7.67 18.19 3.75
C LEU A 51 -7.10 19.54 3.32
N ALA A 52 -5.84 19.52 2.91
CA ALA A 52 -5.17 20.73 2.49
C ALA A 52 -5.88 21.30 1.27
N GLN A 53 -5.96 20.49 0.21
CA GLN A 53 -6.52 20.98 -1.06
C GLN A 53 -8.00 21.28 -0.91
N ASP A 54 -8.71 20.43 -0.18
CA ASP A 54 -10.14 20.70 0.19
C ASP A 54 -10.37 22.07 0.81
N TYR A 55 -9.45 22.55 1.64
CA TYR A 55 -9.63 23.80 2.38
C TYR A 55 -8.57 24.87 2.06
N GLY A 56 -7.95 24.79 0.88
CA GLY A 56 -6.94 25.78 0.45
C GLY A 56 -5.84 26.00 1.47
N GLY A 57 -5.48 24.92 2.15
CA GLY A 57 -4.42 24.99 3.15
C GLY A 57 -3.13 24.39 2.61
N GLU A 58 -2.21 24.07 3.52
CA GLU A 58 -0.92 23.50 3.17
C GLU A 58 -0.73 22.16 3.84
N CYS A 59 0.09 21.31 3.24
CA CYS A 59 0.48 20.06 3.90
C CYS A 59 1.96 19.73 3.63
N ASN A 60 2.68 19.49 4.72
CA ASN A 60 4.08 19.19 4.71
C ASN A 60 4.34 17.70 4.62
N LEU A 61 5.20 17.28 3.69
CA LEU A 61 5.74 15.93 3.74
C LEU A 61 6.96 16.02 4.60
N ARG A 62 6.91 15.40 5.78
CA ARG A 62 7.96 15.49 6.77
C ARG A 62 8.45 14.09 7.07
N PHE A 63 9.76 13.97 7.08
CA PHE A 63 10.40 12.76 7.50
C PHE A 63 10.73 12.87 8.98
N ASP A 64 9.99 12.13 9.81
CA ASP A 64 10.18 12.06 11.24
C ASP A 64 11.30 11.09 11.39
N ASP A 65 12.49 11.62 11.26
CA ASP A 65 13.72 10.87 11.31
C ASP A 65 14.53 11.09 12.56
N THR A 66 14.10 10.46 13.60
CA THR A 66 14.78 10.60 14.90
C THR A 66 15.52 9.36 15.32
N ASN A 67 15.61 8.35 14.48
CA ASN A 67 16.32 7.11 14.89
C ASN A 67 17.38 6.68 13.90
N PRO A 68 18.65 6.92 14.24
CA PRO A 68 19.61 6.77 13.17
C PRO A 68 19.87 5.34 12.72
N GLU A 69 19.49 4.34 13.52
CA GLU A 69 19.92 2.92 13.31
C GLU A 69 19.34 2.36 12.02
N THR A 70 18.09 2.70 11.79
CA THR A 70 17.24 2.03 10.80
C THR A 70 16.99 2.90 9.55
N GLU A 71 17.05 4.22 9.72
CA GLU A 71 16.62 5.18 8.67
C GLU A 71 17.62 5.33 7.52
N LYS A 72 17.11 5.40 6.29
CA LYS A 72 17.95 5.47 5.09
C LYS A 72 17.37 6.45 4.10
N GLU A 73 18.19 7.10 3.30
CA GLU A 73 17.70 8.12 2.37
C GLU A 73 16.81 7.52 1.30
N GLU A 74 17.10 6.28 0.87
CA GLU A 74 16.28 5.65 -0.17
C GLU A 74 14.84 5.41 0.26
N TYR A 75 14.61 5.29 1.57
CA TYR A 75 13.28 5.15 2.08
C TYR A 75 12.57 6.46 1.98
N ALA A 76 13.29 7.55 2.19
CA ALA A 76 12.70 8.88 2.06
C ALA A 76 12.53 9.25 0.60
N ARG A 77 13.41 8.79 -0.26
CA ARG A 77 13.18 8.96 -1.69
C ARG A 77 11.90 8.22 -2.01
N ALA A 78 11.79 6.98 -1.56
CA ALA A 78 10.65 6.14 -1.91
C ALA A 78 9.33 6.71 -1.38
N ILE A 79 9.34 7.17 -0.13
CA ILE A 79 8.17 7.78 0.48
C ILE A 79 7.61 8.91 -0.40
N GLU A 80 8.49 9.74 -0.92
CA GLU A 80 8.04 10.86 -1.76
C GLU A 80 7.57 10.35 -3.10
N GLU A 81 8.25 9.37 -3.66
CA GLU A 81 7.80 8.73 -4.89
C GLU A 81 6.39 8.18 -4.69
N ASP A 82 6.11 7.54 -3.55
CA ASP A 82 4.80 6.94 -3.34
C ASP A 82 3.70 7.96 -3.08
N VAL A 83 3.97 9.04 -2.36
CA VAL A 83 2.95 10.11 -2.18
C VAL A 83 2.57 10.83 -3.49
N ARG A 84 3.60 11.25 -4.24
CA ARG A 84 3.42 11.90 -5.53
C ARG A 84 2.73 11.01 -6.56
N TRP A 85 3.00 9.71 -6.47
CA TRP A 85 2.36 8.73 -7.32
C TRP A 85 0.87 8.60 -7.05
N LEU A 86 0.40 8.78 -5.82
CA LEU A 86 -1.07 8.79 -5.54
C LEU A 86 -1.64 10.11 -6.02
N GLY A 87 -0.78 11.06 -6.35
CA GLY A 87 -1.22 12.29 -7.02
C GLY A 87 -1.25 13.50 -6.12
N PHE A 88 -0.49 13.48 -5.04
CA PHE A 88 -0.55 14.57 -4.07
C PHE A 88 0.72 15.38 -4.11
N ARG A 89 0.60 16.71 -3.97
CA ARG A 89 1.73 17.62 -4.11
C ARG A 89 2.10 18.30 -2.80
N PRO A 90 2.95 17.66 -2.00
CA PRO A 90 3.48 18.31 -0.82
C PRO A 90 3.80 19.79 -1.04
N THR A 91 3.31 20.63 -0.16
CA THR A 91 3.66 22.03 -0.11
C THR A 91 5.14 22.20 0.20
N ARG A 92 5.71 21.25 0.93
CA ARG A 92 7.08 21.31 1.44
C ARG A 92 7.52 19.91 1.84
N VAL A 93 8.81 19.64 1.63
CA VAL A 93 9.40 18.38 2.02
C VAL A 93 10.42 18.71 3.07
N LEU A 94 10.24 18.15 4.27
CA LEU A 94 11.06 18.58 5.37
C LEU A 94 11.72 17.40 6.04
N TYR A 95 12.58 17.68 6.99
CA TYR A 95 13.26 16.63 7.69
C TYR A 95 13.30 17.10 9.11
N ALA A 96 12.72 16.32 10.01
CA ALA A 96 12.67 16.68 11.39
C ALA A 96 14.09 16.85 11.85
N SER A 97 15.00 16.03 11.30
CA SER A 97 16.41 16.09 11.66
C SER A 97 17.04 17.44 11.47
N ASP A 98 16.53 18.21 10.53
CA ASP A 98 17.04 19.57 10.35
C ASP A 98 16.53 20.51 11.47
N TYR A 99 15.71 19.99 12.40
CA TYR A 99 15.23 20.77 13.53
C TYR A 99 15.94 20.44 14.82
N PHE A 100 16.93 19.55 14.76
CA PHE A 100 17.55 19.05 15.96
C PHE A 100 18.14 20.14 16.85
N GLU A 101 18.72 21.17 16.25
CA GLU A 101 19.34 22.29 16.99
C GLU A 101 18.29 23.00 17.79
N THR A 102 17.13 23.27 17.19
CA THR A 102 16.02 23.89 17.93
C THR A 102 15.47 22.99 19.07
N MET A 103 15.33 21.69 18.80
CA MET A 103 14.85 20.77 19.88
C MET A 103 15.85 20.71 21.02
N TYR A 104 17.12 20.50 20.71
CA TYR A 104 18.20 20.62 21.69
C TYR A 104 18.13 21.91 22.51
N GLN A 105 17.96 23.07 21.85
CA GLN A 105 17.91 24.35 22.56
C GLN A 105 16.69 24.40 23.45
N CYS A 106 15.58 23.94 22.91
CA CYS A 106 14.43 23.74 23.74
C CYS A 106 14.84 22.89 24.98
N ALA A 107 15.51 21.75 24.78
CA ALA A 107 15.90 20.92 25.92
C ALA A 107 16.63 21.73 26.97
N LEU A 108 17.72 22.40 26.60
CA LEU A 108 18.41 23.31 27.52
C LEU A 108 17.39 24.15 28.30
N VAL A 109 16.35 24.66 27.65
CA VAL A 109 15.41 25.48 28.38
C VAL A 109 14.67 24.71 29.48
N LEU A 110 14.07 23.58 29.13
CA LEU A 110 13.56 22.63 30.13
C LEU A 110 14.56 22.39 31.28
N ILE A 111 15.81 22.05 30.99
CA ILE A 111 16.76 21.83 32.10
C ILE A 111 16.93 23.09 32.96
N GLN A 112 17.00 24.25 32.32
CA GLN A 112 17.19 25.50 33.06
C GLN A 112 16.07 25.75 34.01
N GLU A 113 14.88 25.39 33.57
CA GLU A 113 13.65 25.68 34.28
C GLU A 113 13.28 24.58 35.26
N GLY A 114 14.25 23.71 35.60
CA GLY A 114 14.01 22.60 36.49
C GLY A 114 12.99 21.57 36.02
N LYS A 115 12.90 21.41 34.70
CA LYS A 115 11.84 20.61 34.10
C LYS A 115 12.30 19.36 33.38
N ALA A 116 13.59 19.13 33.37
CA ALA A 116 14.12 17.92 32.79
C ALA A 116 15.29 17.54 33.68
N TYR A 117 15.80 16.33 33.54
CA TYR A 117 17.02 15.95 34.27
C TYR A 117 17.66 14.75 33.60
N VAL A 118 18.92 14.51 33.92
CA VAL A 118 19.67 13.46 33.29
C VAL A 118 19.62 12.28 34.23
N ASP A 119 19.36 11.08 33.68
CA ASP A 119 19.20 9.87 34.44
C ASP A 119 20.26 8.82 34.08
N ASP A 120 20.89 8.22 35.11
CA ASP A 120 21.99 7.24 34.94
C ASP A 120 21.50 5.78 35.03
N LEU A 121 20.38 5.56 35.74
CA LEU A 121 19.79 4.22 35.88
C LEU A 121 19.55 3.56 34.51
N PRO A 122 19.75 2.24 34.41
CA PRO A 122 19.47 1.52 33.16
C PRO A 122 17.99 1.17 32.97
N GLU A 123 17.61 0.78 31.76
CA GLU A 123 16.20 0.52 31.41
C GLU A 123 15.43 -0.26 32.48
N GLU A 124 15.87 -1.48 32.79
CA GLU A 124 15.16 -2.36 33.72
C GLU A 124 14.78 -1.72 35.05
N GLU A 125 15.76 -1.17 35.76
CA GLU A 125 15.46 -0.49 37.04
C GLU A 125 14.55 0.75 36.81
N MET A 126 14.83 1.56 35.79
CA MET A 126 14.00 2.75 35.54
C MET A 126 12.51 2.42 35.47
N SER A 127 12.14 1.35 34.78
CA SER A 127 10.71 1.01 34.61
C SER A 127 10.09 0.26 35.77
N GLU A 128 10.92 -0.31 36.63
CA GLU A 128 10.47 -0.98 37.81
C GLU A 128 10.18 0.07 38.86
N LEU A 129 10.91 1.18 38.83
CA LEU A 129 10.53 2.31 39.68
C LEU A 129 9.26 3.01 39.16
N ARG A 130 9.15 3.24 37.84
CA ARG A 130 7.94 3.87 37.30
C ARG A 130 6.80 3.05 37.86
N ALA A 131 6.86 1.75 37.56
CA ALA A 131 5.90 0.76 38.07
C ALA A 131 5.49 0.98 39.52
N GLN A 132 6.44 1.35 40.37
CA GLN A 132 6.17 1.60 41.77
C GLN A 132 5.80 3.07 42.07
N GLY A 133 5.73 3.88 41.02
CA GLY A 133 5.50 5.31 41.17
C GLY A 133 6.60 5.96 41.95
N LYS A 134 7.76 5.32 42.02
CA LYS A 134 8.89 5.87 42.75
C LYS A 134 9.73 6.79 41.85
N PRO A 135 10.38 7.77 42.48
CA PRO A 135 11.29 8.67 41.76
C PRO A 135 12.68 8.12 41.57
N SER A 136 13.24 8.27 40.39
CA SER A 136 14.68 8.07 40.23
C SER A 136 15.47 8.86 41.27
N PRO A 137 16.50 8.23 41.86
CA PRO A 137 17.34 8.98 42.82
C PRO A 137 17.99 10.19 42.15
N TYR A 138 18.31 10.07 40.86
CA TYR A 138 18.90 11.20 40.11
C TYR A 138 17.94 12.37 39.85
N ARG A 139 16.67 12.19 40.17
CA ARG A 139 15.62 13.11 39.73
C ARG A 139 15.91 14.54 40.09
N GLU A 140 16.16 14.80 41.35
CA GLU A 140 16.27 16.15 41.85
C GLU A 140 17.71 16.68 41.78
N ARG A 141 18.42 16.39 40.68
CA ARG A 141 19.77 16.99 40.44
C ARG A 141 19.71 18.50 40.25
N SER A 142 20.82 19.15 40.56
CA SER A 142 20.94 20.59 40.38
C SER A 142 20.89 20.89 38.89
N VAL A 143 20.13 21.93 38.54
CA VAL A 143 20.18 22.55 37.23
C VAL A 143 21.58 22.55 36.63
N GLU A 144 22.55 22.94 37.46
CA GLU A 144 23.93 22.95 37.01
C GLU A 144 24.42 21.53 36.63
N GLU A 145 24.25 20.57 37.54
CA GLU A 145 24.72 19.19 37.33
C GLU A 145 24.16 18.66 36.03
N ASN A 146 22.88 18.94 35.80
CA ASN A 146 22.22 18.46 34.60
C ASN A 146 22.78 19.00 33.28
N LEU A 147 23.04 20.31 33.22
CA LEU A 147 23.61 20.92 32.03
C LEU A 147 24.96 20.33 31.73
N GLU A 148 25.74 20.17 32.78
CA GLU A 148 27.08 19.65 32.62
C GLU A 148 27.08 18.26 32.04
N LEU A 149 26.16 17.39 32.51
CA LEU A 149 26.11 15.98 32.03
C LEU A 149 25.44 15.85 30.69
N PHE A 150 24.41 16.68 30.45
CA PHE A 150 23.77 16.74 29.14
C PHE A 150 24.78 17.14 28.08
N GLU A 151 25.61 18.09 28.46
CA GLU A 151 26.64 18.56 27.56
C GLU A 151 27.62 17.43 27.30
N ARG A 152 28.03 16.72 28.36
CA ARG A 152 28.92 15.57 28.16
C ARG A 152 28.27 14.50 27.32
N MET A 153 26.96 14.31 27.51
CA MET A 153 26.21 13.41 26.63
C MET A 153 26.37 13.82 25.17
N ARG A 154 26.22 15.12 24.92
CA ARG A 154 26.28 15.68 23.57
C ARG A 154 27.65 15.46 22.89
N ARG A 155 28.72 15.58 23.68
CA ARG A 155 30.11 15.33 23.24
C ARG A 155 30.45 13.87 23.01
N GLY A 156 29.57 13.00 23.49
CA GLY A 156 29.58 11.57 23.19
C GLY A 156 30.44 10.81 24.16
N GLU A 157 30.55 11.35 25.35
CA GLU A 157 31.45 10.83 26.34
C GLU A 157 30.92 9.47 26.89
N PHE A 158 29.57 9.37 26.97
CA PHE A 158 28.90 8.14 27.39
C PHE A 158 28.44 7.32 26.19
N PRO A 159 28.29 6.00 26.36
CA PRO A 159 27.94 5.18 25.24
C PRO A 159 26.43 5.06 25.03
N THR A 160 26.08 4.42 23.93
CA THR A 160 24.71 4.14 23.57
C THR A 160 23.94 3.47 24.73
N GLY A 161 22.78 4.01 25.07
CA GLY A 161 21.95 3.45 26.16
C GLY A 161 22.23 4.08 27.53
N SER A 162 23.49 4.38 27.78
CA SER A 162 23.97 4.66 29.13
C SER A 162 23.24 5.74 29.95
N ARG A 163 22.54 6.64 29.28
CA ARG A 163 22.06 7.83 29.95
C ARG A 163 20.99 8.44 29.10
N VAL A 164 20.00 9.04 29.75
CA VAL A 164 18.95 9.71 29.05
C VAL A 164 18.55 10.97 29.76
N LEU A 165 17.80 11.82 29.10
CA LEU A 165 17.23 12.98 29.75
C LEU A 165 15.75 12.62 29.85
N ARG A 166 15.15 12.95 30.98
CA ARG A 166 13.76 12.71 31.18
C ARG A 166 13.14 14.03 31.58
N ALA A 167 11.86 14.15 31.30
CA ALA A 167 11.07 15.24 31.85
C ALA A 167 10.69 14.91 33.28
N LYS A 168 10.82 15.91 34.16
CA LYS A 168 10.34 15.82 35.54
C LYS A 168 8.93 16.30 35.59
N ILE A 169 7.96 15.38 35.59
CA ILE A 169 6.56 15.76 35.73
C ILE A 169 6.07 15.28 37.10
N ASP A 170 5.70 14.01 37.21
CA ASP A 170 5.39 13.36 38.50
C ASP A 170 5.68 11.85 38.40
N PRO A 171 6.55 11.31 39.27
CA PRO A 171 6.76 9.85 39.20
C PRO A 171 5.58 8.98 39.68
N ALA A 172 4.69 9.53 40.53
CA ALA A 172 3.51 8.79 41.05
C ALA A 172 2.20 9.11 40.31
N HIS A 173 2.33 9.57 39.06
CA HIS A 173 1.22 10.22 38.38
C HIS A 173 0.18 9.21 37.93
N PRO A 174 -1.11 9.54 38.06
CA PRO A 174 -2.16 8.64 37.57
C PRO A 174 -1.89 8.13 36.15
N ASN A 175 -1.49 9.03 35.28
CA ASN A 175 -1.04 8.63 33.95
C ASN A 175 0.45 8.19 33.90
N PHE A 176 0.65 6.97 33.45
CA PHE A 176 1.95 6.32 33.47
C PHE A 176 2.91 6.94 32.45
N LYS A 177 2.31 7.48 31.38
CA LYS A 177 3.10 8.10 30.34
C LYS A 177 3.74 9.37 30.88
N LEU A 178 3.18 9.93 31.95
CA LEU A 178 3.70 11.17 32.56
C LEU A 178 4.70 10.98 33.70
N ARG A 179 5.04 9.71 33.99
CA ARG A 179 6.05 9.42 34.98
C ARG A 179 7.39 9.65 34.30
N ASP A 180 7.72 10.92 34.21
CA ASP A 180 9.02 11.39 33.76
C ASP A 180 9.50 10.85 32.39
N PRO A 181 8.67 10.93 31.35
CA PRO A 181 9.07 10.24 30.09
C PRO A 181 10.42 10.63 29.56
N VAL A 182 11.06 9.72 28.85
CA VAL A 182 12.40 9.99 28.30
C VAL A 182 12.29 11.00 27.19
N LEU A 183 12.97 12.14 27.33
CA LEU A 183 13.10 13.11 26.26
C LEU A 183 14.23 12.79 25.28
N TYR A 184 15.43 12.46 25.77
CA TYR A 184 16.60 12.23 24.86
C TYR A 184 17.35 10.99 25.22
N ARG A 185 17.78 10.25 24.22
CA ARG A 185 18.64 9.10 24.40
C ARG A 185 19.99 9.30 23.71
N ILE A 186 20.85 8.28 23.81
CA ILE A 186 22.20 8.32 23.29
C ILE A 186 22.37 7.24 22.26
N VAL A 187 22.75 7.63 21.04
CA VAL A 187 23.19 6.68 20.00
C VAL A 187 24.44 7.20 19.35
N HIS A 188 25.46 6.35 19.32
CA HIS A 188 26.72 6.66 18.64
C HIS A 188 26.62 6.08 17.27
N ALA A 189 25.79 6.72 16.47
CA ALA A 189 25.50 6.22 15.15
C ALA A 189 25.13 7.42 14.30
N PRO A 190 25.64 7.41 13.04
CA PRO A 190 25.41 8.52 12.14
C PRO A 190 24.01 8.48 11.53
N HIS A 191 23.50 9.65 11.18
CA HIS A 191 22.19 9.84 10.58
C HIS A 191 22.36 10.02 9.06
N TYR A 192 21.50 9.38 8.28
CA TYR A 192 21.54 9.38 6.83
C TYR A 192 21.43 10.83 6.29
N HIS A 193 20.72 11.67 7.03
CA HIS A 193 20.52 13.05 6.64
C HIS A 193 21.53 13.98 7.25
N VAL A 194 21.76 13.90 8.56
CA VAL A 194 22.61 14.90 9.25
C VAL A 194 23.95 14.36 9.68
N GLY A 195 24.29 13.21 9.11
CA GLY A 195 25.64 12.71 9.20
C GLY A 195 26.04 12.45 10.61
N ASP A 196 27.21 12.96 11.00
CA ASP A 196 27.86 12.55 12.27
C ASP A 196 27.81 13.66 13.30
N ARG A 197 26.90 14.59 13.07
CA ARG A 197 26.80 15.75 13.91
C ARG A 197 26.23 15.35 15.25
N TRP A 198 25.29 14.41 15.25
CA TRP A 198 24.52 14.18 16.47
C TRP A 198 24.72 12.80 17.05
N VAL A 199 24.72 12.80 18.36
CA VAL A 199 24.98 11.61 19.16
C VAL A 199 23.92 11.43 20.28
N ILE A 200 23.29 12.55 20.63
CA ILE A 200 22.05 12.53 21.37
C ILE A 200 21.02 12.78 20.33
N TYR A 201 19.89 12.07 20.45
CA TYR A 201 18.75 12.09 19.53
C TYR A 201 17.47 12.13 20.35
N PRO A 202 16.46 12.92 19.92
CA PRO A 202 15.25 13.01 20.72
C PRO A 202 14.28 11.84 20.57
N MET A 203 13.48 11.58 21.62
CA MET A 203 12.40 10.59 21.56
C MET A 203 11.19 11.12 20.82
N TYR A 204 10.43 10.20 20.22
CA TYR A 204 9.18 10.53 19.59
C TYR A 204 8.31 11.55 20.38
N ASP A 205 8.00 11.27 21.64
CA ASP A 205 7.10 12.16 22.35
C ASP A 205 7.65 13.56 22.54
N PHE A 206 8.94 13.74 22.44
CA PHE A 206 9.47 15.12 22.45
C PHE A 206 9.47 15.72 21.03
N ALA A 207 9.96 14.97 20.04
CA ALA A 207 10.21 15.49 18.69
C ALA A 207 8.94 15.84 17.97
N HIS A 208 7.94 15.00 18.08
CA HIS A 208 6.76 15.21 17.30
C HIS A 208 6.07 16.56 17.57
N PRO A 209 5.67 16.83 18.82
CA PRO A 209 5.03 18.12 18.99
C PRO A 209 5.90 19.24 18.48
N LEU A 210 7.20 19.14 18.68
CA LEU A 210 8.09 20.23 18.31
C LEU A 210 8.17 20.47 16.77
N GLU A 211 8.35 19.38 16.03
CA GLU A 211 8.29 19.45 14.58
C GLU A 211 6.91 19.97 14.16
N ASP A 212 5.84 19.44 14.75
CA ASP A 212 4.50 20.08 14.60
C ASP A 212 4.55 21.60 14.82
N PHE A 213 5.07 22.03 15.97
CA PHE A 213 5.01 23.41 16.38
C PHE A 213 5.84 24.27 15.41
N ILE A 214 7.08 23.85 15.20
CA ILE A 214 8.02 24.55 14.34
C ILE A 214 7.44 24.87 12.98
N GLU A 215 6.75 23.90 12.38
CA GLU A 215 6.20 24.07 11.03
C GLU A 215 4.89 24.82 10.99
N GLY A 216 4.32 25.12 12.16
CA GLY A 216 3.00 25.73 12.26
C GLY A 216 1.83 24.86 11.85
N VAL A 217 1.99 23.54 11.93
CA VAL A 217 0.88 22.58 11.73
C VAL A 217 -0.28 23.02 12.63
N THR A 218 -1.51 22.94 12.13
CA THR A 218 -2.65 23.39 12.91
C THR A 218 -3.42 22.22 13.48
N HIS A 219 -3.65 21.20 12.65
CA HIS A 219 -4.25 19.96 13.10
C HIS A 219 -3.29 18.86 12.79
N SER A 220 -2.91 18.13 13.83
CA SER A 220 -1.96 17.03 13.75
C SER A 220 -2.73 15.71 13.84
N LEU A 221 -2.91 15.08 12.69
CA LEU A 221 -3.73 13.86 12.57
C LEU A 221 -2.88 12.59 12.55
N CYS A 222 -3.18 11.71 13.49
CA CYS A 222 -2.50 10.44 13.65
C CYS A 222 -3.52 9.37 14.07
N THR A 223 -3.09 8.11 14.07
CA THR A 223 -3.96 7.00 14.33
C THR A 223 -4.11 6.78 15.84
N LEU A 224 -5.11 5.98 16.22
CA LEU A 224 -5.49 5.75 17.63
C LEU A 224 -4.45 5.16 18.58
N GLU A 225 -3.36 4.63 18.05
CA GLU A 225 -2.31 4.11 18.94
C GLU A 225 -1.81 5.22 19.87
N PHE A 226 -1.77 6.44 19.34
CA PHE A 226 -1.17 7.58 20.03
C PHE A 226 -2.18 8.42 20.85
N GLU A 227 -3.42 7.94 21.02
CA GLU A 227 -4.39 8.55 21.97
C GLU A 227 -3.81 8.69 23.39
N ASN A 228 -3.14 7.65 23.87
CA ASN A 228 -2.48 7.73 25.18
C ASN A 228 -1.31 8.76 25.17
N ASN A 229 -0.66 8.96 24.01
CA ASN A 229 0.46 9.92 23.91
C ASN A 229 0.04 11.42 23.90
N ARG A 230 -1.26 11.71 23.99
CA ARG A 230 -1.74 13.11 23.98
C ARG A 230 -1.26 13.92 25.18
N THR A 231 -1.28 13.34 26.38
CA THR A 231 -1.02 14.13 27.59
C THR A 231 0.45 14.60 27.59
N VAL A 232 1.33 13.85 26.93
CA VAL A 232 2.77 14.22 26.85
C VAL A 232 3.05 15.23 25.72
N TYR A 233 2.42 15.01 24.59
CA TYR A 233 2.35 15.99 23.49
C TYR A 233 1.97 17.40 23.97
N ASP A 234 0.83 17.51 24.64
CA ASP A 234 0.41 18.78 25.25
C ASP A 234 1.48 19.39 26.14
N TRP A 235 2.13 18.51 26.90
CA TRP A 235 3.08 18.96 27.90
C TRP A 235 4.27 19.68 27.23
N VAL A 236 4.78 19.05 26.17
CA VAL A 236 5.89 19.65 25.44
C VAL A 236 5.52 21.04 24.92
N ILE A 237 4.38 21.15 24.26
CA ILE A 237 3.95 22.41 23.69
C ILE A 237 3.72 23.43 24.78
N GLU A 238 2.91 23.11 25.77
CA GLU A 238 2.55 24.09 26.78
C GLU A 238 3.78 24.66 27.48
N ASN A 239 4.68 23.76 27.88
CA ASN A 239 5.90 24.16 28.56
C ASN A 239 6.98 24.76 27.68
N LEU A 240 6.92 24.61 26.36
CA LEU A 240 7.89 25.29 25.46
C LEU A 240 7.31 26.43 24.64
N LYS A 241 6.01 26.68 24.72
CA LYS A 241 5.42 27.76 23.93
C LYS A 241 6.03 29.10 24.33
N GLY A 242 6.37 29.90 23.34
CA GLY A 242 7.03 31.19 23.54
C GLY A 242 8.56 31.18 23.63
N LYS A 243 9.19 30.00 23.58
CA LYS A 243 10.66 29.88 23.72
C LYS A 243 11.32 29.39 22.45
N CYS A 244 12.62 29.66 22.35
CA CYS A 244 13.47 29.27 21.20
C CYS A 244 12.92 29.60 19.80
N GLY A 245 12.28 30.75 19.67
CA GLY A 245 11.70 31.17 18.39
C GLY A 245 10.31 30.62 18.10
N LEU A 246 9.76 29.86 19.04
CA LEU A 246 8.45 29.24 18.85
C LEU A 246 7.31 30.21 19.15
N PRO A 247 6.20 30.05 18.42
CA PRO A 247 4.97 30.78 18.71
C PRO A 247 4.49 30.64 20.17
N THR A 248 3.88 31.71 20.67
CA THR A 248 3.11 31.66 21.93
C THR A 248 1.67 31.20 21.60
N SER A 249 1.25 31.53 20.38
CA SER A 249 0.01 31.08 19.77
C SER A 249 -0.02 31.43 18.27
N PRO A 250 -0.73 30.64 17.48
CA PRO A 250 -1.48 29.43 17.86
C PRO A 250 -0.61 28.15 18.06
N ARG A 251 -1.25 27.06 18.48
CA ARG A 251 -0.60 25.78 18.66
C ARG A 251 -1.27 24.62 17.92
N PRO A 252 -0.45 23.66 17.48
CA PRO A 252 -0.98 22.43 16.95
C PRO A 252 -1.77 21.64 17.98
N HIS A 253 -2.80 20.93 17.52
CA HIS A 253 -3.60 20.02 18.34
C HIS A 253 -3.77 18.69 17.61
N GLN A 254 -3.60 17.60 18.36
CA GLN A 254 -3.65 16.24 17.86
C GLN A 254 -5.08 15.72 17.73
N TYR A 255 -5.36 14.96 16.69
CA TYR A 255 -6.64 14.27 16.54
C TYR A 255 -6.40 12.87 16.03
N GLU A 256 -7.06 11.88 16.64
CA GLU A 256 -6.85 10.50 16.23
C GLU A 256 -8.01 9.88 15.45
N PHE A 257 -7.65 9.14 14.42
CA PHE A 257 -8.58 8.46 13.54
C PHE A 257 -8.20 6.97 13.48
N ALA A 258 -9.06 6.17 12.87
CA ALA A 258 -8.85 4.72 12.92
C ALA A 258 -7.87 4.20 11.87
N ARG A 259 -6.85 3.54 12.38
CA ARG A 259 -5.94 2.64 11.66
C ARG A 259 -6.67 1.75 10.67
N LEU A 260 -6.18 1.63 9.44
CA LEU A 260 -6.75 0.67 8.49
C LEU A 260 -6.15 -0.73 8.71
N ASP A 261 -7.03 -1.73 8.58
CA ASP A 261 -6.78 -3.10 8.93
C ASP A 261 -7.51 -3.87 7.85
N LEU A 262 -6.76 -4.58 7.02
CA LEU A 262 -7.30 -5.18 5.80
C LEU A 262 -7.24 -6.70 5.92
N SER A 263 -8.35 -7.36 5.66
CA SER A 263 -8.38 -8.81 5.75
C SER A 263 -7.50 -9.49 4.68
N HIS A 264 -6.98 -10.67 5.02
CA HIS A 264 -6.14 -11.48 4.12
C HIS A 264 -4.82 -10.79 3.80
N THR A 265 -4.42 -9.90 4.71
CA THR A 265 -3.22 -9.10 4.57
C THR A 265 -2.68 -8.76 5.95
N VAL A 266 -1.38 -8.49 6.00
CA VAL A 266 -0.71 -7.97 7.18
C VAL A 266 0.05 -6.69 6.78
N LEU A 267 0.06 -5.73 7.71
CA LEU A 267 0.77 -4.46 7.54
C LEU A 267 1.83 -4.16 8.64
N SER A 268 1.83 -4.94 9.73
CA SER A 268 2.86 -4.83 10.76
C SER A 268 4.23 -5.02 10.18
N LYS A 269 5.05 -3.97 10.24
CA LYS A 269 6.37 -3.98 9.60
C LYS A 269 7.10 -5.28 9.92
N ARG A 270 7.18 -5.62 11.20
CA ARG A 270 7.85 -6.87 11.68
C ARG A 270 7.57 -8.11 10.82
N LYS A 271 6.28 -8.37 10.60
CA LYS A 271 5.89 -9.49 9.78
C LYS A 271 6.27 -9.26 8.32
N LEU A 272 6.10 -8.04 7.82
CA LEU A 272 6.46 -7.76 6.44
C LEU A 272 7.92 -8.10 6.22
N ILE A 273 8.76 -7.76 7.20
CA ILE A 273 10.20 -8.09 7.13
C ILE A 273 10.44 -9.59 7.03
N LYS A 274 9.70 -10.37 7.84
CA LYS A 274 9.79 -11.82 7.80
C LYS A 274 9.47 -12.39 6.42
N LEU A 275 8.43 -11.86 5.81
CA LEU A 275 8.04 -12.30 4.49
C LEU A 275 9.15 -12.09 3.46
N VAL A 276 9.78 -10.90 3.50
CA VAL A 276 10.77 -10.55 2.50
C VAL A 276 12.06 -11.35 2.69
N GLU A 277 12.70 -11.15 3.83
CA GLU A 277 13.94 -11.86 4.15
C GLU A 277 13.75 -13.39 4.11
N GLY A 278 12.54 -13.85 4.46
CA GLY A 278 12.15 -15.28 4.34
C GLY A 278 11.94 -15.88 2.93
N GLY A 279 11.90 -15.04 1.88
CA GLY A 279 11.72 -15.54 0.51
C GLY A 279 10.32 -16.11 0.30
N TYR A 280 9.47 -15.85 1.29
CA TYR A 280 8.04 -16.06 1.13
C TYR A 280 7.58 -15.17 -0.04
N VAL A 281 8.25 -14.04 -0.18
CA VAL A 281 7.95 -13.02 -1.17
C VAL A 281 9.28 -12.57 -1.74
N SER A 282 9.24 -12.08 -2.97
CA SER A 282 10.48 -11.84 -3.73
C SER A 282 11.28 -10.58 -3.33
N GLY A 283 10.63 -9.63 -2.66
CA GLY A 283 11.19 -8.30 -2.51
C GLY A 283 10.04 -7.36 -2.25
N TRP A 284 10.37 -6.12 -1.88
CA TRP A 284 9.38 -5.22 -1.30
C TRP A 284 8.29 -4.73 -2.29
N ASP A 285 8.58 -4.81 -3.61
CA ASP A 285 7.60 -4.41 -4.63
C ASP A 285 6.93 -5.63 -5.27
N ASP A 286 6.95 -6.74 -4.59
CA ASP A 286 6.33 -7.95 -5.09
C ASP A 286 4.83 -7.71 -5.05
N PRO A 287 4.15 -7.95 -6.17
CA PRO A 287 2.72 -7.60 -6.18
C PRO A 287 1.84 -8.35 -5.15
N ARG A 288 2.36 -9.41 -4.54
CA ARG A 288 1.63 -10.09 -3.47
C ARG A 288 1.51 -9.22 -2.24
N LEU A 289 2.32 -8.15 -2.19
CA LEU A 289 2.43 -7.30 -1.02
C LEU A 289 1.53 -6.10 -1.10
N PRO A 290 1.10 -5.57 0.05
CA PRO A 290 0.22 -4.43 0.09
C PRO A 290 1.06 -3.21 0.37
N THR A 291 2.33 -3.28 0.03
CA THR A 291 3.12 -2.08 -0.14
C THR A 291 2.52 -1.29 -1.25
N LEU A 292 2.66 0.02 -1.19
CA LEU A 292 2.33 0.88 -2.31
C LEU A 292 3.26 0.55 -3.49
N ARG A 293 4.50 0.20 -3.19
CA ARG A 293 5.46 -0.27 -4.21
C ARG A 293 4.92 -1.44 -5.03
N GLY A 294 4.32 -2.41 -4.33
CA GLY A 294 3.89 -3.65 -4.94
C GLY A 294 2.58 -3.48 -5.67
N LEU A 295 1.75 -2.59 -5.17
CA LEU A 295 0.45 -2.36 -5.76
C LEU A 295 0.64 -1.60 -7.10
N ARG A 296 1.53 -0.61 -7.11
CA ARG A 296 1.94 0.03 -8.37
C ARG A 296 2.40 -0.99 -9.39
N ARG A 297 3.33 -1.87 -8.96
CA ARG A 297 3.86 -2.87 -9.84
C ARG A 297 2.74 -3.84 -10.21
N ARG A 298 1.89 -4.19 -9.24
CA ARG A 298 0.82 -5.15 -9.51
C ARG A 298 0.01 -4.69 -10.71
N GLY A 299 -0.27 -3.38 -10.76
CA GLY A 299 -1.07 -2.78 -11.81
C GLY A 299 -2.18 -1.84 -11.32
N VAL A 300 -2.36 -1.76 -10.00
CA VAL A 300 -3.44 -0.97 -9.45
C VAL A 300 -3.16 0.46 -9.71
N ARG A 301 -4.16 1.19 -10.17
CA ARG A 301 -3.95 2.59 -10.38
C ARG A 301 -4.05 3.35 -9.05
N PRO A 302 -3.18 4.36 -8.88
CA PRO A 302 -3.26 5.18 -7.68
C PRO A 302 -4.66 5.67 -7.45
N GLU A 303 -5.39 5.93 -8.53
CA GLU A 303 -6.76 6.42 -8.42
C GLU A 303 -7.64 5.39 -7.73
N ALA A 304 -7.31 4.12 -7.91
CA ALA A 304 -8.09 3.05 -7.28
C ALA A 304 -7.86 3.06 -5.80
N ILE A 305 -6.62 3.32 -5.42
CA ILE A 305 -6.27 3.35 -4.02
C ILE A 305 -6.90 4.55 -3.33
N VAL A 306 -6.82 5.71 -3.95
CA VAL A 306 -7.41 6.88 -3.34
C VAL A 306 -8.93 6.71 -3.23
N GLU A 307 -9.57 6.19 -4.27
CA GLU A 307 -11.00 5.96 -4.22
C GLU A 307 -11.35 5.01 -3.07
N PHE A 308 -10.67 3.87 -3.02
CA PHE A 308 -10.86 2.91 -1.93
C PHE A 308 -10.81 3.58 -0.57
N VAL A 309 -9.80 4.44 -0.38
CA VAL A 309 -9.63 5.15 0.87
C VAL A 309 -10.76 6.13 1.17
N ARG A 310 -11.24 6.80 0.14
CA ARG A 310 -12.32 7.76 0.29
C ARG A 310 -13.63 7.01 0.54
N LYS A 311 -13.79 5.87 -0.12
CA LYS A 311 -15.00 5.06 -0.06
C LYS A 311 -15.17 4.44 1.31
N THR A 312 -14.06 4.04 1.96
CA THR A 312 -14.10 3.48 3.31
C THR A 312 -14.23 4.56 4.38
N GLY A 313 -13.92 5.80 4.03
CA GLY A 313 -14.16 6.95 4.92
C GLY A 313 -13.19 7.06 6.10
N ILE A 314 -13.42 8.06 6.95
CA ILE A 314 -12.54 8.36 8.09
C ILE A 314 -13.37 8.48 9.36
N SER A 315 -12.99 7.74 10.41
CA SER A 315 -13.81 7.60 11.61
C SER A 315 -12.98 7.06 12.78
N ARG A 316 -13.67 6.64 13.84
CA ARG A 316 -13.06 5.80 14.88
C ARG A 316 -13.51 4.33 14.77
N ASN A 317 -14.01 3.94 13.58
CA ASN A 317 -14.50 2.59 13.34
C ASN A 317 -13.35 1.65 13.09
N GLU A 318 -12.84 1.06 14.16
CA GLU A 318 -11.73 0.12 14.05
C GLU A 318 -12.07 -1.14 13.19
N ALA A 319 -13.33 -1.26 12.76
CA ALA A 319 -13.78 -2.39 11.94
C ALA A 319 -12.80 -2.78 10.81
N GLN A 320 -12.29 -4.03 10.83
CA GLN A 320 -11.45 -4.54 9.74
C GLN A 320 -12.24 -4.49 8.47
N ILE A 321 -11.58 -4.02 7.41
CA ILE A 321 -12.16 -3.91 6.07
C ILE A 321 -11.92 -5.21 5.31
N GLU A 322 -12.90 -5.62 4.52
CA GLU A 322 -12.81 -6.88 3.79
C GLU A 322 -12.12 -6.70 2.45
N MET A 323 -11.26 -7.63 2.10
CA MET A 323 -10.46 -7.55 0.87
C MET A 323 -11.35 -7.59 -0.40
N ASP A 324 -12.50 -8.24 -0.31
CA ASP A 324 -13.49 -8.18 -1.39
C ASP A 324 -13.63 -6.74 -1.84
N LEU A 325 -13.83 -5.89 -0.83
CA LEU A 325 -14.16 -4.48 -1.04
C LEU A 325 -13.09 -3.83 -1.90
N PHE A 326 -11.84 -3.93 -1.46
CA PHE A 326 -10.72 -3.37 -2.20
C PHE A 326 -10.71 -3.95 -3.61
N GLU A 327 -10.74 -5.27 -3.72
CA GLU A 327 -10.71 -5.92 -5.04
C GLU A 327 -11.83 -5.38 -5.94
N GLU A 328 -12.98 -5.11 -5.36
CA GLU A 328 -14.10 -4.62 -6.15
C GLU A 328 -13.90 -3.17 -6.62
N VAL A 329 -13.17 -2.37 -5.87
CA VAL A 329 -12.93 -0.98 -6.28
C VAL A 329 -11.91 -0.94 -7.42
N VAL A 330 -11.01 -1.91 -7.42
CA VAL A 330 -10.05 -2.09 -8.49
C VAL A 330 -10.77 -2.50 -9.81
N ARG A 331 -11.62 -3.52 -9.74
CA ARG A 331 -12.38 -3.95 -10.92
C ARG A 331 -13.14 -2.74 -11.45
N ASP A 332 -13.97 -2.18 -10.56
CA ASP A 332 -14.67 -0.94 -10.82
C ASP A 332 -13.79 0.12 -11.46
N ASP A 333 -12.61 0.37 -10.92
CA ASP A 333 -11.77 1.43 -11.46
C ASP A 333 -11.26 1.12 -12.89
N LEU A 334 -11.00 -0.16 -13.16
CA LEU A 334 -10.43 -0.57 -14.45
C LEU A 334 -11.48 -0.73 -15.52
N ASN A 335 -12.69 -1.04 -15.09
CA ASN A 335 -13.81 -1.30 -16.01
C ASN A 335 -13.96 -0.39 -17.24
N PRO A 336 -13.99 0.95 -17.05
CA PRO A 336 -14.31 1.80 -18.18
C PRO A 336 -13.10 2.14 -19.01
N ILE A 337 -11.90 1.77 -18.58
CA ILE A 337 -10.67 2.16 -19.29
C ILE A 337 -9.73 1.03 -19.75
N ALA A 338 -9.99 -0.20 -19.32
CA ALA A 338 -9.19 -1.34 -19.74
C ALA A 338 -9.78 -1.96 -21.02
N PRO A 339 -9.13 -1.76 -22.16
CA PRO A 339 -9.58 -2.38 -23.39
C PRO A 339 -9.56 -3.88 -23.27
N ARG A 340 -10.46 -4.54 -23.98
CA ARG A 340 -10.63 -5.98 -23.81
C ARG A 340 -10.04 -6.79 -24.96
N VAL A 341 -9.26 -7.80 -24.57
CA VAL A 341 -8.47 -8.60 -25.47
C VAL A 341 -8.56 -10.08 -25.11
N LEU A 342 -8.00 -10.93 -25.95
CA LEU A 342 -8.04 -12.36 -25.64
C LEU A 342 -6.69 -12.91 -25.38
N GLY A 343 -6.55 -13.58 -24.25
CA GLY A 343 -5.32 -14.31 -23.91
C GLY A 343 -5.71 -15.70 -23.48
N VAL A 344 -4.75 -16.59 -23.42
CA VAL A 344 -5.00 -17.92 -22.88
C VAL A 344 -3.86 -18.22 -21.94
N VAL A 345 -4.24 -18.78 -20.81
CA VAL A 345 -3.41 -18.95 -19.63
C VAL A 345 -3.09 -20.46 -19.40
N ASP A 346 -4.02 -21.33 -19.79
CA ASP A 346 -3.83 -22.76 -19.70
C ASP A 346 -4.01 -23.33 -21.12
N PRO A 347 -2.95 -23.32 -21.92
CA PRO A 347 -3.28 -23.50 -23.34
C PRO A 347 -3.57 -24.93 -23.75
N LEU A 348 -4.65 -25.09 -24.49
CA LEU A 348 -5.01 -26.37 -25.06
C LEU A 348 -5.22 -26.15 -26.55
N LYS A 349 -4.53 -26.92 -27.37
CA LYS A 349 -4.55 -26.71 -28.81
C LYS A 349 -5.76 -27.33 -29.45
N VAL A 350 -6.36 -26.63 -30.41
CA VAL A 350 -7.50 -27.14 -31.15
C VAL A 350 -7.19 -27.03 -32.63
N VAL A 351 -7.40 -28.14 -33.35
CA VAL A 351 -7.33 -28.12 -34.80
C VAL A 351 -8.72 -28.10 -35.44
N LEU A 352 -8.89 -27.26 -36.46
CA LEU A 352 -10.14 -27.21 -37.25
C LEU A 352 -9.94 -27.88 -38.64
N THR A 353 -10.65 -29.00 -38.83
CA THR A 353 -10.46 -29.90 -39.97
C THR A 353 -11.21 -29.41 -41.18
N ASN A 354 -12.18 -28.54 -40.93
CA ASN A 354 -13.04 -28.02 -41.97
C ASN A 354 -12.83 -26.51 -42.16
N TYR A 355 -11.59 -26.05 -42.01
CA TYR A 355 -11.24 -24.64 -42.22
C TYR A 355 -9.78 -24.59 -42.60
N GLU A 356 -9.49 -23.75 -43.59
CA GLU A 356 -8.14 -23.58 -44.11
C GLU A 356 -7.84 -22.10 -44.21
N GLY A 357 -6.55 -21.79 -44.12
CA GLY A 357 -6.08 -20.44 -44.30
C GLY A 357 -6.33 -19.58 -43.08
N GLU A 358 -6.13 -18.27 -43.25
CA GLU A 358 -6.22 -17.34 -42.15
C GLU A 358 -7.20 -16.30 -42.51
N GLU A 359 -7.77 -15.64 -41.51
CA GLU A 359 -8.50 -14.42 -41.73
C GLU A 359 -8.33 -13.55 -40.51
N TRP A 360 -8.82 -12.33 -40.64
CA TRP A 360 -8.69 -11.36 -39.59
C TRP A 360 -10.03 -10.74 -39.35
N ILE A 361 -10.50 -10.81 -38.10
CA ILE A 361 -11.85 -10.41 -37.71
C ILE A 361 -11.77 -9.06 -37.00
N GLU A 362 -12.60 -8.13 -37.42
CA GLU A 362 -12.64 -6.84 -36.72
C GLU A 362 -13.35 -7.10 -35.39
N ALA A 363 -12.65 -6.74 -34.32
CA ALA A 363 -13.10 -7.04 -32.99
C ALA A 363 -13.00 -5.79 -32.12
N PRO A 364 -14.12 -5.38 -31.51
CA PRO A 364 -14.21 -4.29 -30.55
C PRO A 364 -13.51 -4.49 -29.22
N TYR A 365 -12.77 -3.49 -28.79
CA TYR A 365 -12.18 -3.47 -27.45
C TYR A 365 -13.19 -3.30 -26.33
N TRP A 366 -14.32 -2.68 -26.65
CA TRP A 366 -15.27 -2.18 -25.65
C TRP A 366 -16.63 -2.80 -25.88
N PRO A 367 -17.28 -3.29 -24.81
CA PRO A 367 -18.66 -3.81 -24.91
C PRO A 367 -19.74 -2.74 -24.96
N ARG A 368 -20.97 -3.19 -25.17
CA ARG A 368 -22.13 -2.30 -25.22
C ARG A 368 -22.20 -1.30 -24.06
N ASP A 369 -21.91 -1.76 -22.83
CA ASP A 369 -22.00 -0.89 -21.64
C ASP A 369 -21.05 0.32 -21.73
N ILE A 370 -19.81 0.11 -22.18
CA ILE A 370 -18.81 1.19 -22.18
C ILE A 370 -19.07 2.20 -23.32
N PRO A 371 -19.06 3.52 -23.02
CA PRO A 371 -19.23 4.52 -24.08
C PRO A 371 -17.89 4.82 -24.73
N LYS A 372 -17.28 3.78 -25.29
CA LYS A 372 -16.05 3.92 -26.04
C LYS A 372 -16.11 2.94 -27.20
N GLU A 373 -15.83 3.44 -28.38
CA GLU A 373 -15.78 2.62 -29.56
C GLU A 373 -14.28 2.42 -29.77
N GLY A 374 -13.91 1.57 -30.71
CA GLY A 374 -12.53 1.13 -30.83
C GLY A 374 -12.49 -0.35 -31.15
N THR A 375 -11.67 -0.65 -32.15
CA THR A 375 -11.67 -1.94 -32.76
C THR A 375 -10.25 -2.45 -32.96
N ARG A 376 -10.10 -3.72 -33.35
CA ARG A 376 -8.79 -4.30 -33.64
C ARG A 376 -8.84 -5.47 -34.60
N PRO A 377 -7.78 -5.64 -35.41
CA PRO A 377 -7.77 -6.86 -36.19
C PRO A 377 -7.44 -8.07 -35.29
N LEU A 378 -8.32 -9.07 -35.30
CA LEU A 378 -8.17 -10.28 -34.49
C LEU A 378 -8.03 -11.49 -35.43
N PRO A 379 -6.90 -12.20 -35.36
CA PRO A 379 -6.68 -13.24 -36.37
C PRO A 379 -7.24 -14.62 -36.02
N PHE A 380 -7.62 -15.38 -37.04
CA PHE A 380 -8.20 -16.69 -36.88
C PHE A 380 -7.53 -17.65 -37.88
N SER A 381 -7.39 -18.91 -37.51
CA SER A 381 -6.68 -19.88 -38.32
C SER A 381 -7.18 -21.25 -37.92
N PRO A 382 -6.70 -22.30 -38.60
CA PRO A 382 -7.19 -23.64 -38.26
C PRO A 382 -6.62 -24.16 -36.96
N GLU A 383 -5.68 -23.43 -36.37
CA GLU A 383 -5.04 -23.90 -35.16
C GLU A 383 -5.17 -22.86 -34.07
N LEU A 384 -5.76 -23.26 -32.95
CA LEU A 384 -6.13 -22.35 -31.88
C LEU A 384 -5.70 -22.93 -30.57
N TYR A 385 -5.62 -22.08 -29.55
CA TYR A 385 -5.61 -22.54 -28.16
C TYR A 385 -6.85 -22.04 -27.45
N ILE A 386 -7.36 -22.87 -26.55
CA ILE A 386 -8.39 -22.46 -25.61
C ILE A 386 -7.94 -22.86 -24.22
N GLU A 387 -8.66 -22.43 -23.20
CA GLU A 387 -8.33 -22.91 -21.86
C GLU A 387 -8.60 -24.43 -21.75
N ARG A 388 -7.69 -25.15 -21.14
CA ARG A 388 -7.98 -26.56 -20.83
C ARG A 388 -9.27 -26.60 -19.97
N THR A 389 -9.39 -25.63 -19.08
CA THR A 389 -10.57 -25.45 -18.27
C THR A 389 -11.90 -25.17 -19.02
N ASP A 390 -11.88 -24.88 -20.31
CA ASP A 390 -13.14 -24.75 -21.08
C ASP A 390 -13.48 -25.93 -21.99
N PHE A 391 -12.82 -27.07 -21.76
CA PHE A 391 -13.27 -28.33 -22.36
C PHE A 391 -13.47 -29.35 -21.24
N SER A 392 -14.41 -30.27 -21.45
CA SER A 392 -14.65 -31.37 -20.53
C SER A 392 -15.19 -32.60 -21.29
N LEU A 393 -14.78 -33.80 -20.89
CA LEU A 393 -15.30 -35.04 -21.48
C LEU A 393 -16.54 -35.48 -20.73
N ASN A 394 -16.58 -35.11 -19.45
CA ASN A 394 -17.71 -35.35 -18.58
C ASN A 394 -18.16 -34.01 -17.99
N PRO A 395 -18.99 -33.26 -18.76
CA PRO A 395 -19.42 -31.93 -18.33
C PRO A 395 -20.60 -31.95 -17.36
N PRO A 396 -20.57 -31.05 -16.37
CA PRO A 396 -21.64 -30.93 -15.40
C PRO A 396 -22.94 -30.34 -15.95
N LYS A 397 -23.96 -30.26 -15.08
CA LYS A 397 -25.32 -29.93 -15.47
C LYS A 397 -25.34 -28.65 -16.28
N GLY A 398 -24.98 -27.54 -15.66
CA GLY A 398 -25.07 -26.22 -16.34
C GLY A 398 -23.93 -25.88 -17.30
N TRP A 399 -23.28 -26.88 -17.87
CA TRP A 399 -22.03 -26.67 -18.61
C TRP A 399 -22.17 -25.78 -19.84
N LYS A 400 -21.63 -24.58 -19.79
CA LYS A 400 -21.87 -23.64 -20.87
C LYS A 400 -20.79 -23.63 -21.94
N ARG A 401 -19.81 -24.53 -21.82
CA ARG A 401 -18.60 -24.49 -22.65
C ARG A 401 -18.50 -25.71 -23.51
N LEU A 402 -17.38 -25.81 -24.24
CA LEU A 402 -17.16 -26.95 -25.15
C LEU A 402 -17.09 -28.29 -24.42
N ALA A 403 -17.60 -29.32 -25.13
CA ALA A 403 -17.79 -30.69 -24.65
C ALA A 403 -18.27 -31.57 -25.84
N PRO A 404 -18.12 -32.92 -25.75
CA PRO A 404 -18.33 -33.84 -26.89
C PRO A 404 -19.62 -33.78 -27.70
N GLY A 405 -20.74 -33.40 -27.09
CA GLY A 405 -21.96 -33.16 -27.86
C GLY A 405 -22.10 -31.67 -28.11
N GLN A 406 -21.90 -30.89 -27.04
CA GLN A 406 -22.27 -29.47 -26.96
C GLN A 406 -21.36 -28.53 -27.76
N ARG A 407 -21.96 -27.66 -28.57
CA ARG A 407 -21.19 -26.69 -29.33
C ARG A 407 -20.86 -25.50 -28.46
N VAL A 408 -19.95 -24.64 -28.96
CA VAL A 408 -19.49 -23.48 -28.22
C VAL A 408 -19.18 -22.33 -29.16
N ARG A 409 -19.31 -21.12 -28.62
CA ARG A 409 -19.03 -19.90 -29.35
C ARG A 409 -17.65 -19.43 -29.01
N LEU A 410 -16.76 -19.44 -30.01
CA LEU A 410 -15.49 -18.72 -29.92
C LEU A 410 -15.82 -17.25 -29.92
N ARG A 411 -15.36 -16.51 -28.93
CA ARG A 411 -15.70 -15.12 -28.81
C ARG A 411 -15.16 -14.32 -29.96
N HIS A 412 -16.06 -13.56 -30.57
CA HIS A 412 -15.89 -12.69 -31.72
C HIS A 412 -15.69 -13.41 -33.03
N ALA A 413 -15.99 -14.69 -33.06
CA ALA A 413 -15.81 -15.45 -34.26
C ALA A 413 -16.85 -16.55 -34.40
N TYR A 414 -16.42 -17.69 -34.91
CA TYR A 414 -17.28 -18.83 -35.17
C TYR A 414 -17.73 -19.68 -34.03
N VAL A 415 -18.68 -20.54 -34.34
CA VAL A 415 -19.13 -21.51 -33.41
C VAL A 415 -18.45 -22.81 -33.80
N ILE A 416 -18.02 -23.58 -32.82
CA ILE A 416 -17.37 -24.83 -33.12
C ILE A 416 -17.97 -26.02 -32.37
N GLU A 417 -17.80 -27.21 -32.93
CA GLU A 417 -18.10 -28.42 -32.18
C GLU A 417 -16.97 -29.46 -32.25
N LEU A 418 -16.79 -30.15 -31.13
CA LEU A 418 -15.85 -31.26 -30.98
C LEU A 418 -16.07 -32.33 -32.04
N GLU A 419 -15.01 -32.68 -32.77
CA GLU A 419 -14.94 -33.89 -33.62
C GLU A 419 -14.25 -35.03 -32.89
N ASP A 420 -13.01 -34.78 -32.46
CA ASP A 420 -12.11 -35.82 -31.96
C ASP A 420 -11.33 -35.32 -30.74
N VAL A 421 -10.99 -36.23 -29.86
CA VAL A 421 -10.08 -35.98 -28.74
C VAL A 421 -8.86 -36.89 -28.94
N VAL A 422 -7.65 -36.31 -28.89
CA VAL A 422 -6.38 -37.03 -28.98
C VAL A 422 -5.69 -37.01 -27.62
N GLU A 423 -5.41 -38.20 -27.08
CA GLU A 423 -4.87 -38.33 -25.70
C GLU A 423 -3.45 -38.91 -25.63
N GLU A 424 -2.75 -38.60 -24.53
CA GLU A 424 -1.46 -39.18 -24.21
C GLU A 424 -1.19 -39.01 -22.70
N GLY A 425 -0.79 -40.09 -22.03
CA GLY A 425 -0.58 -40.09 -20.58
C GLY A 425 -1.88 -40.00 -19.79
N GLY A 426 -2.93 -40.61 -20.32
CA GLY A 426 -4.25 -40.58 -19.68
C GLY A 426 -4.86 -39.20 -19.50
N GLU A 427 -4.46 -38.25 -20.35
CA GLU A 427 -4.98 -36.87 -20.30
C GLU A 427 -5.06 -36.24 -21.71
N VAL A 428 -5.69 -35.07 -21.81
CA VAL A 428 -6.10 -34.54 -23.10
C VAL A 428 -5.05 -33.62 -23.73
N ARG A 429 -4.60 -33.97 -24.94
CA ARG A 429 -3.45 -33.30 -25.55
C ARG A 429 -3.85 -32.37 -26.70
N LEU A 430 -4.90 -32.73 -27.42
CA LEU A 430 -5.32 -31.95 -28.57
C LEU A 430 -6.80 -32.18 -28.83
N LEU A 431 -7.44 -31.22 -29.48
CA LEU A 431 -8.85 -31.34 -29.86
C LEU A 431 -8.96 -31.14 -31.37
N LYS A 432 -9.66 -32.05 -32.04
CA LYS A 432 -10.01 -31.89 -33.45
C LYS A 432 -11.46 -31.39 -33.46
N ALA A 433 -11.72 -30.24 -34.09
CA ALA A 433 -13.06 -29.64 -34.09
C ALA A 433 -13.47 -29.09 -35.45
N ARG A 434 -14.66 -28.49 -35.49
CA ARG A 434 -15.31 -28.15 -36.73
C ARG A 434 -15.99 -26.81 -36.58
N ILE A 435 -15.67 -25.84 -37.44
CA ILE A 435 -16.45 -24.59 -37.49
C ILE A 435 -17.87 -24.94 -37.94
N VAL A 436 -18.89 -24.29 -37.40
CA VAL A 436 -20.22 -24.56 -37.87
C VAL A 436 -20.50 -23.48 -38.87
N THR A 439 -21.35 -19.51 -38.98
CA THR A 439 -21.85 -18.96 -37.78
C THR A 439 -21.17 -17.67 -37.43
N LEU A 440 -20.33 -17.15 -38.31
CA LEU A 440 -19.71 -15.87 -38.01
C LEU A 440 -20.72 -14.73 -38.05
N GLY A 441 -21.10 -14.22 -36.89
CA GLY A 441 -22.02 -13.08 -36.79
C GLY A 441 -23.46 -13.54 -36.84
N ALA A 442 -23.69 -14.85 -36.67
CA ALA A 442 -25.00 -15.46 -36.85
C ALA A 442 -25.20 -16.74 -36.05
N ASN A 443 -26.41 -16.95 -35.56
CA ASN A 443 -26.74 -18.20 -34.89
C ASN A 443 -26.50 -19.42 -35.78
N PRO A 444 -26.46 -20.61 -35.16
CA PRO A 444 -26.43 -21.81 -36.00
C PRO A 444 -27.73 -21.93 -36.76
N GLU A 445 -27.65 -22.34 -38.02
CA GLU A 445 -28.82 -22.42 -38.86
C GLU A 445 -29.90 -23.26 -38.16
N ASP A 446 -29.49 -24.41 -37.64
CA ASP A 446 -30.42 -25.38 -37.03
C ASP A 446 -31.01 -24.94 -35.67
N GLY A 447 -30.59 -23.79 -35.15
CA GLY A 447 -31.23 -23.19 -33.98
C GLY A 447 -30.71 -23.61 -32.61
N VAL A 448 -30.00 -24.75 -32.52
CA VAL A 448 -29.41 -25.16 -31.23
C VAL A 448 -28.18 -24.30 -30.98
N ARG A 449 -28.42 -23.15 -30.34
CA ARG A 449 -27.41 -22.15 -30.00
C ARG A 449 -26.35 -22.78 -29.10
N PRO A 450 -25.09 -22.30 -29.20
CA PRO A 450 -24.14 -22.70 -28.18
C PRO A 450 -24.53 -22.05 -26.86
N LYS A 451 -24.51 -22.82 -25.77
CA LYS A 451 -24.94 -22.32 -24.45
C LYS A 451 -24.05 -21.21 -23.84
N GLY A 452 -22.87 -21.02 -24.38
CA GLY A 452 -21.92 -20.07 -23.79
C GLY A 452 -20.82 -19.67 -24.77
N VAL A 453 -19.96 -18.76 -24.33
CA VAL A 453 -18.93 -18.14 -25.17
C VAL A 453 -17.59 -18.30 -24.45
N ILE A 454 -16.56 -18.73 -25.19
CA ILE A 454 -15.20 -18.86 -24.64
C ILE A 454 -14.18 -18.07 -25.44
N HIS A 455 -13.13 -17.63 -24.77
CA HIS A 455 -12.05 -16.94 -25.42
C HIS A 455 -11.05 -17.93 -25.98
N TRP A 456 -10.17 -17.40 -26.83
CA TRP A 456 -9.30 -18.22 -27.66
C TRP A 456 -8.23 -17.34 -28.30
N VAL A 457 -7.18 -17.99 -28.80
CA VAL A 457 -6.24 -17.36 -29.74
C VAL A 457 -5.82 -18.36 -30.83
N SER A 458 -5.34 -17.84 -31.96
CA SER A 458 -4.74 -18.65 -33.02
C SER A 458 -3.45 -19.04 -32.50
N ALA A 459 -3.19 -20.33 -32.56
CA ALA A 459 -1.91 -20.84 -32.25
C ALA A 459 -0.94 -20.25 -33.28
N ARG A 460 -1.44 -19.83 -34.44
CA ARG A 460 -0.55 -19.31 -35.51
C ARG A 460 -0.11 -17.83 -35.42
N HIS A 461 -0.68 -17.06 -34.49
CA HIS A 461 -0.33 -15.63 -34.35
C HIS A 461 -0.06 -15.16 -32.93
N ALA A 462 -0.24 -16.03 -31.95
CA ALA A 462 -0.31 -15.59 -30.57
C ALA A 462 1.06 -15.44 -30.01
N LEU A 463 1.24 -14.46 -29.14
CA LEU A 463 2.54 -14.21 -28.55
C LEU A 463 2.64 -15.00 -27.27
N PRO A 464 3.83 -15.54 -26.96
CA PRO A 464 3.88 -16.26 -25.70
C PRO A 464 3.94 -15.22 -24.57
N VAL A 465 3.39 -15.58 -23.40
CA VAL A 465 3.34 -14.73 -22.23
C VAL A 465 3.50 -15.53 -20.96
N GLU A 466 4.33 -14.99 -20.06
CA GLU A 466 4.44 -15.45 -18.69
C GLU A 466 3.38 -14.71 -17.85
N PHE A 467 2.29 -15.38 -17.53
CA PHE A 467 1.25 -14.76 -16.72
C PHE A 467 1.58 -15.00 -15.27
N ARG A 468 1.61 -13.93 -14.48
CA ARG A 468 1.69 -14.02 -13.05
C ARG A 468 0.32 -13.82 -12.40
N LEU A 469 -0.27 -14.92 -11.95
CA LEU A 469 -1.60 -14.87 -11.36
C LEU A 469 -1.47 -14.62 -9.86
N TYR A 470 -1.79 -13.40 -9.44
CA TYR A 470 -1.68 -13.02 -8.03
C TYR A 470 -3.03 -13.22 -7.33
N GLY A 471 -2.99 -13.98 -6.23
CA GLY A 471 -4.15 -14.18 -5.40
C GLY A 471 -3.94 -13.34 -4.17
N ARG A 472 -4.81 -13.54 -3.17
CA ARG A 472 -4.63 -12.91 -1.88
C ARG A 472 -3.53 -13.65 -1.20
N LEU A 473 -2.84 -12.97 -0.29
CA LEU A 473 -1.61 -13.51 0.29
C LEU A 473 -1.84 -14.54 1.41
N PHE A 474 -3.02 -14.49 2.05
CA PHE A 474 -3.37 -15.39 3.16
C PHE A 474 -4.75 -15.94 2.92
N ARG A 475 -4.98 -17.17 3.38
CA ARG A 475 -6.31 -17.80 3.28
C ARG A 475 -7.25 -17.38 4.41
N THR A 476 -6.69 -16.89 5.51
CA THR A 476 -7.48 -16.45 6.63
C THR A 476 -7.64 -14.93 6.66
N LYS A 477 -8.80 -14.49 7.15
CA LYS A 477 -9.14 -13.06 7.26
C LYS A 477 -8.19 -12.33 8.21
N ASP A 478 -7.84 -12.99 9.32
CA ASP A 478 -7.05 -12.40 10.39
C ASP A 478 -5.72 -13.16 10.63
N PRO A 479 -4.81 -13.13 9.63
CA PRO A 479 -3.46 -13.66 9.84
C PRO A 479 -2.66 -12.85 10.89
N GLU A 480 -2.94 -11.55 10.96
CA GLU A 480 -2.24 -10.58 11.82
C GLU A 480 -2.23 -10.97 13.28
N GLU A 481 -3.37 -11.50 13.75
CA GLU A 481 -3.53 -11.90 15.16
C GLU A 481 -3.95 -13.37 15.29
N GLY A 482 -4.06 -14.10 14.17
CA GLY A 482 -4.53 -15.50 14.14
C GLY A 482 -3.62 -16.51 14.85
N GLY A 483 -2.39 -16.08 15.17
CA GLY A 483 -1.36 -16.95 15.74
C GLY A 483 -0.34 -17.34 14.69
N ASP A 484 -0.40 -18.58 14.22
CA ASP A 484 0.53 -19.07 13.20
C ASP A 484 0.30 -18.35 11.86
N PHE A 485 0.92 -17.19 11.64
CA PHE A 485 0.56 -16.37 10.48
C PHE A 485 1.14 -16.90 9.16
N LEU A 486 2.35 -17.45 9.21
CA LEU A 486 2.91 -18.10 8.04
C LEU A 486 2.17 -19.37 7.63
N GLN A 487 1.57 -20.09 8.57
CA GLN A 487 0.79 -21.29 8.21
C GLN A 487 -0.56 -20.90 7.58
N ASN A 488 -0.80 -19.58 7.44
CA ASN A 488 -2.03 -19.08 6.81
C ASN A 488 -1.78 -18.45 5.43
N LEU A 489 -0.52 -18.44 5.00
CA LEU A 489 -0.20 -18.05 3.64
C LEU A 489 -1.01 -18.84 2.63
N ASN A 490 -1.37 -18.18 1.55
CA ASN A 490 -2.10 -18.82 0.49
C ASN A 490 -1.11 -19.39 -0.55
N PRO A 491 -1.07 -20.74 -0.73
CA PRO A 491 -0.13 -21.32 -1.70
C PRO A 491 -0.38 -20.85 -3.12
N GLU A 492 -1.58 -20.34 -3.40
CA GLU A 492 -1.92 -19.83 -4.74
C GLU A 492 -1.70 -18.32 -4.85
N ALA A 493 -0.93 -17.76 -3.91
CA ALA A 493 -0.62 -16.32 -3.86
C ALA A 493 -0.06 -15.90 -5.20
N LEU A 494 0.90 -16.67 -5.70
CA LEU A 494 1.41 -16.58 -7.07
C LEU A 494 1.36 -17.93 -7.79
N VAL A 495 0.67 -17.95 -8.91
CA VAL A 495 0.73 -19.06 -9.82
C VAL A 495 1.34 -18.52 -11.11
N VAL A 496 2.51 -19.04 -11.46
CA VAL A 496 3.09 -18.67 -12.76
C VAL A 496 2.60 -19.65 -13.81
N LYS A 497 1.89 -19.11 -14.80
CA LYS A 497 1.50 -19.83 -16.00
C LYS A 497 2.07 -19.20 -17.28
N ARG A 498 2.36 -20.08 -18.25
CA ARG A 498 2.92 -19.72 -19.54
C ARG A 498 1.88 -19.91 -20.62
N GLY A 499 1.44 -18.80 -21.17
CA GLY A 499 0.28 -18.79 -22.04
C GLY A 499 0.51 -17.97 -23.29
N PHE A 500 -0.60 -17.55 -23.90
CA PHE A 500 -0.60 -16.83 -25.15
C PHE A 500 -1.49 -15.63 -25.12
N ILE A 501 -1.18 -14.62 -25.94
CA ILE A 501 -2.09 -13.49 -26.12
C ILE A 501 -2.20 -13.13 -27.60
N GLU A 502 -3.35 -12.57 -27.98
CA GLU A 502 -3.52 -12.02 -29.31
C GLU A 502 -2.39 -11.06 -29.58
N PRO A 503 -1.93 -11.01 -30.85
CA PRO A 503 -0.80 -10.14 -31.18
C PRO A 503 -1.08 -8.61 -31.14
N SER A 504 -2.31 -8.16 -31.30
CA SER A 504 -2.60 -6.72 -31.17
C SER A 504 -1.83 -6.02 -30.06
N VAL A 505 -1.60 -6.71 -28.93
CA VAL A 505 -1.03 -6.08 -27.75
C VAL A 505 0.36 -5.47 -28.03
N ALA A 506 1.03 -5.98 -29.05
CA ALA A 506 2.35 -5.42 -29.40
C ALA A 506 2.31 -3.97 -29.92
N GLN A 507 1.15 -3.51 -30.40
CA GLN A 507 0.99 -2.10 -30.86
C GLN A 507 0.45 -1.17 -29.80
N ASP A 508 0.51 -1.59 -28.53
CA ASP A 508 0.03 -0.74 -27.43
C ASP A 508 1.17 -0.18 -26.60
N PRO A 509 0.96 0.96 -25.92
CA PRO A 509 1.90 1.48 -24.92
C PRO A 509 2.05 0.46 -23.81
N GLU A 510 3.23 0.39 -23.22
CA GLU A 510 3.56 -0.71 -22.32
C GLU A 510 2.84 -0.64 -20.98
N ASP A 511 2.27 0.53 -20.67
CA ASP A 511 1.47 0.68 -19.43
C ASP A 511 -0.04 0.51 -19.66
N THR A 512 -0.40 0.13 -20.88
CA THR A 512 -1.75 -0.28 -21.15
C THR A 512 -2.15 -1.42 -20.22
N ARG A 513 -3.35 -1.29 -19.68
CA ARG A 513 -3.92 -2.25 -18.78
C ARG A 513 -5.12 -2.85 -19.47
N TYR A 514 -5.14 -4.18 -19.56
CA TYR A 514 -6.15 -4.88 -20.29
C TYR A 514 -7.12 -5.65 -19.36
N GLN A 515 -8.30 -5.94 -19.88
CA GLN A 515 -9.11 -7.02 -19.41
C GLN A 515 -8.97 -8.10 -20.44
N LEU A 516 -8.55 -9.28 -20.01
CA LEU A 516 -8.57 -10.42 -20.90
C LEU A 516 -9.88 -11.11 -20.58
N GLU A 517 -10.69 -11.30 -21.61
CA GLU A 517 -12.08 -11.72 -21.41
C GLU A 517 -12.13 -13.02 -20.64
N ARG A 518 -12.94 -13.00 -19.60
CA ARG A 518 -13.24 -14.15 -18.73
C ARG A 518 -12.10 -14.54 -17.79
N LEU A 519 -11.10 -13.67 -17.63
CA LEU A 519 -9.93 -14.02 -16.78
C LEU A 519 -9.65 -12.97 -15.69
N GLY A 520 -9.64 -11.70 -16.07
CA GLY A 520 -9.39 -10.61 -15.14
C GLY A 520 -8.63 -9.48 -15.80
N TYR A 521 -8.15 -8.54 -14.99
CA TYR A 521 -7.37 -7.42 -15.51
C TYR A 521 -5.86 -7.77 -15.39
N PHE A 522 -5.09 -7.26 -16.35
CA PHE A 522 -3.69 -7.62 -16.54
C PHE A 522 -2.94 -6.41 -17.13
N TRP A 523 -1.65 -6.35 -16.86
CA TRP A 523 -0.77 -5.44 -17.56
C TRP A 523 0.67 -5.98 -17.52
N ARG A 524 1.51 -5.42 -18.39
CA ARG A 524 2.94 -5.75 -18.38
C ARG A 524 3.55 -5.38 -17.05
N ASP A 525 4.15 -6.36 -16.38
CA ASP A 525 4.96 -6.15 -15.19
C ASP A 525 6.04 -5.20 -15.55
N PRO A 526 6.11 -4.06 -14.86
CA PRO A 526 7.00 -2.98 -15.35
C PRO A 526 8.49 -3.26 -15.20
N VAL A 527 8.84 -4.24 -14.37
CA VAL A 527 10.25 -4.59 -14.14
C VAL A 527 10.80 -5.60 -15.17
N ASP A 528 10.08 -6.68 -15.41
CA ASP A 528 10.60 -7.85 -16.11
C ASP A 528 10.22 -7.88 -17.58
N SER A 529 9.07 -7.33 -17.91
CA SER A 529 8.52 -7.54 -19.23
C SER A 529 9.38 -6.88 -20.28
N ARG A 530 9.47 -7.55 -21.41
CA ARG A 530 10.28 -7.11 -22.52
C ARG A 530 9.42 -7.46 -23.71
N PRO A 531 9.43 -6.63 -24.75
CA PRO A 531 8.47 -6.94 -25.79
C PRO A 531 8.74 -8.29 -26.45
N GLU A 532 10.02 -8.68 -26.55
CA GLU A 532 10.37 -9.99 -27.08
C GLU A 532 10.19 -11.18 -26.07
N ALA A 533 9.74 -10.89 -24.86
CA ALA A 533 9.38 -11.93 -23.90
C ALA A 533 8.45 -11.38 -22.84
N LEU A 534 7.19 -11.26 -23.22
CA LEU A 534 6.19 -10.56 -22.41
C LEU A 534 6.01 -11.24 -21.07
N VAL A 535 5.76 -10.42 -20.06
CA VAL A 535 5.48 -10.88 -18.72
C VAL A 535 4.32 -10.02 -18.27
N MET A 536 3.26 -10.66 -17.82
CA MET A 536 2.07 -9.97 -17.47
C MET A 536 1.46 -10.38 -16.15
N ASN A 537 1.47 -9.46 -15.19
CA ASN A 537 0.73 -9.64 -13.92
C ASN A 537 -0.76 -9.48 -14.09
N ARG A 538 -1.51 -10.35 -13.42
CA ARG A 538 -2.94 -10.19 -13.22
C ARG A 538 -3.17 -9.24 -12.05
N ILE A 539 -3.83 -8.15 -12.36
CA ILE A 539 -4.05 -7.06 -11.42
C ILE A 539 -5.05 -7.46 -10.35
N VAL A 540 -6.03 -8.24 -10.77
CA VAL A 540 -7.20 -8.59 -9.95
C VAL A 540 -8.05 -9.53 -10.81
N PRO A 541 -8.65 -10.57 -10.20
CA PRO A 541 -9.55 -11.40 -11.03
C PRO A 541 -10.90 -10.75 -11.22
N LEU A 542 -11.73 -11.29 -12.12
CA LEU A 542 -13.15 -10.91 -12.19
C LEU A 542 -13.92 -11.41 -10.95
N LYS A 543 -15.19 -11.02 -10.83
CA LYS A 543 -16.12 -11.55 -9.81
C LYS A 543 -16.71 -12.91 -10.24
PB ATP B . 4.30 3.32 11.56
O1B ATP B . 3.53 3.31 13.00
O2B ATP B . 3.36 2.74 10.54
O3B ATP B . 5.66 2.65 11.73
PA ATP B . 5.12 5.51 9.89
O1A ATP B . 6.12 6.56 10.25
O2A ATP B . 5.66 4.42 9.00
O3A ATP B . 4.54 4.91 11.29
O5' ATP B . 3.79 6.14 9.23
C5' ATP B . 3.48 7.53 9.35
C4' ATP B . 2.02 7.80 9.68
O4' ATP B . 1.15 6.98 8.92
C3' ATP B . 1.73 7.58 11.15
O3' ATP B . 1.59 8.80 11.89
C2' ATP B . 0.41 6.86 11.18
O2' ATP B . -0.49 7.66 11.96
C1' ATP B . 0.02 6.64 9.72
N9 ATP B . -0.35 5.22 9.51
C8 ATP B . 0.48 4.17 9.70
N7 ATP B . -0.17 3.00 9.46
C5 ATP B . -1.42 3.28 9.11
C6 ATP B . -2.60 2.51 8.73
N6 ATP B . -2.54 1.16 8.66
N1 ATP B . -3.74 3.18 8.43
C2 ATP B . -3.80 4.53 8.49
N3 ATP B . -2.75 5.30 8.83
C4 ATP B . -1.55 4.75 9.14
CL CL C . -19.33 -13.62 -29.23
CL CL D . -21.02 -7.05 -25.56
CL CL E . -5.08 26.30 22.72
CL CL F . -3.69 -24.20 -44.24
#